data_4FLE
#
_entry.id   4FLE
#
_cell.length_a   55.056
_cell.length_b   79.543
_cell.length_c   46.060
_cell.angle_alpha   90.00
_cell.angle_beta   90.00
_cell.angle_gamma   90.00
#
_symmetry.space_group_name_H-M   'P 21 21 2'
#
loop_
_entity.id
_entity.type
_entity.pdbx_description
1 polymer esterase
2 water water
#
_entity_poly.entity_id   1
_entity_poly.type   'polypeptide(L)'
_entity_poly.pdbx_seq_one_letter_code
;(MSE)(MSE)STLLYIHGFNSSPSSAKATTFKSWLQQHHPHIE(MSE)QIPQLPPYPAEAAE(MSE)LESIV(MSE)DKA
GQSIGIVGSSLGGYFATWLSQRFSIPAVVVNPAVRPFELLSDYLGENQNPYTGQKYVLESRHIYDLKA(MSE)QIEKLES
PDLLWLLQQTGDEVLDYRQAVAYYTPCRQTVESGGNHAFVGFDHYFSPIVTFLGLATALEHHHHHH
;
_entity_poly.pdbx_strand_id   A
#
# COMPACT_ATOMS: atom_id res chain seq x y z
N SER A 3 -14.44 12.39 -1.03
CA SER A 3 -13.05 11.86 -0.85
C SER A 3 -12.85 10.47 -1.46
N THR A 4 -11.60 10.06 -1.58
CA THR A 4 -11.26 8.78 -2.17
C THR A 4 -10.22 8.03 -1.36
N LEU A 5 -10.46 6.75 -1.09
CA LEU A 5 -9.48 5.94 -0.38
C LEU A 5 -8.94 4.94 -1.42
N LEU A 6 -7.69 5.14 -1.82
CA LEU A 6 -7.04 4.28 -2.80
C LEU A 6 -6.26 3.16 -2.16
N TYR A 7 -6.74 1.93 -2.33
CA TYR A 7 -6.10 0.75 -1.76
C TYR A 7 -5.22 0.10 -2.82
N ILE A 8 -3.98 -0.22 -2.44
CA ILE A 8 -3.03 -0.84 -3.37
C ILE A 8 -2.61 -2.21 -2.85
N HIS A 9 -2.99 -3.28 -3.54
CA HIS A 9 -2.65 -4.63 -3.13
C HIS A 9 -1.22 -5.03 -3.47
N GLY A 10 -0.79 -6.17 -2.96
CA GLY A 10 0.58 -6.64 -3.21
C GLY A 10 0.79 -7.57 -4.39
N PHE A 11 1.94 -8.25 -4.40
CA PHE A 11 2.31 -9.19 -5.47
C PHE A 11 1.30 -10.33 -5.66
N ASN A 12 0.92 -10.56 -6.91
CA ASN A 12 -0.05 -11.61 -7.24
C ASN A 12 -1.34 -11.51 -6.42
N SER A 13 -1.70 -10.31 -6.02
CA SER A 13 -2.92 -10.12 -5.23
C SER A 13 -4.04 -9.54 -6.09
N SER A 14 -5.10 -9.06 -5.45
CA SER A 14 -6.24 -8.52 -6.18
C SER A 14 -7.20 -7.80 -5.24
N PRO A 15 -8.25 -7.17 -5.78
CA PRO A 15 -9.24 -6.45 -4.97
C PRO A 15 -9.93 -7.33 -3.94
N SER A 16 -9.77 -8.64 -4.07
CA SER A 16 -10.39 -9.56 -3.13
C SER A 16 -9.61 -9.70 -1.84
N SER A 17 -8.48 -9.02 -1.76
CA SER A 17 -7.65 -9.04 -0.57
C SER A 17 -8.56 -8.85 0.64
N ALA A 18 -8.33 -9.62 1.70
CA ALA A 18 -9.15 -9.53 2.90
C ALA A 18 -9.14 -8.15 3.54
N LYS A 19 -7.96 -7.59 3.75
CA LYS A 19 -7.86 -6.26 4.35
C LYS A 19 -8.67 -5.21 3.59
N ALA A 20 -8.74 -5.37 2.28
CA ALA A 20 -9.46 -4.41 1.43
C ALA A 20 -10.98 -4.56 1.48
N THR A 21 -11.46 -5.79 1.32
CA THR A 21 -12.89 -6.06 1.35
C THR A 21 -13.52 -5.80 2.72
N THR A 22 -12.83 -6.15 3.79
CA THR A 22 -13.36 -5.90 5.13
C THR A 22 -13.38 -4.39 5.36
N PHE A 23 -12.34 -3.71 4.90
CA PHE A 23 -12.25 -2.26 5.07
C PHE A 23 -13.39 -1.59 4.30
N LYS A 24 -13.63 -2.08 3.08
CA LYS A 24 -14.68 -1.54 2.24
C LYS A 24 -16.08 -1.66 2.86
N SER A 25 -16.36 -2.80 3.49
CA SER A 25 -17.66 -3.01 4.14
C SER A 25 -17.85 -2.04 5.28
N TRP A 26 -16.80 -1.85 6.06
CA TRP A 26 -16.83 -0.93 7.20
C TRP A 26 -17.05 0.50 6.72
N LEU A 27 -16.28 0.90 5.71
CA LEU A 27 -16.36 2.24 5.14
C LEU A 27 -17.76 2.51 4.59
N GLN A 28 -18.41 1.47 4.07
CA GLN A 28 -19.75 1.57 3.53
C GLN A 28 -20.76 1.95 4.63
N GLN A 29 -20.63 1.33 5.78
CA GLN A 29 -21.52 1.64 6.90
C GLN A 29 -21.23 3.00 7.53
N HIS A 30 -19.96 3.26 7.82
CA HIS A 30 -19.58 4.49 8.51
C HIS A 30 -19.24 5.75 7.69
N HIS A 31 -18.82 5.57 6.44
CA HIS A 31 -18.47 6.71 5.59
C HIS A 31 -18.86 6.44 4.13
N PRO A 32 -20.16 6.32 3.85
CA PRO A 32 -20.67 6.05 2.50
C PRO A 32 -20.21 7.02 1.42
N HIS A 33 -19.85 8.24 1.81
CA HIS A 33 -19.42 9.20 0.80
C HIS A 33 -17.95 9.07 0.41
N ILE A 34 -17.21 8.20 1.10
CA ILE A 34 -15.80 7.97 0.77
C ILE A 34 -15.73 6.88 -0.30
N GLU A 35 -15.18 7.22 -1.46
CA GLU A 35 -15.07 6.24 -2.54
C GLU A 35 -13.88 5.34 -2.26
N GLN A 37 -11.46 2.93 -3.73
CA GLN A 37 -10.95 2.42 -5.00
C GLN A 37 -9.89 1.34 -4.79
N ILE A 38 -10.20 0.12 -5.24
CA ILE A 38 -9.28 -1.00 -5.11
C ILE A 38 -9.06 -1.60 -6.49
N PRO A 39 -8.19 -1.00 -7.29
CA PRO A 39 -7.92 -1.49 -8.65
C PRO A 39 -7.18 -2.82 -8.71
N GLN A 40 -7.38 -3.54 -9.81
CA GLN A 40 -6.67 -4.79 -10.01
C GLN A 40 -5.42 -4.32 -10.71
N LEU A 41 -4.28 -4.40 -10.03
CA LEU A 41 -3.02 -3.98 -10.62
C LEU A 41 -2.46 -5.00 -11.59
N PRO A 42 -1.86 -4.55 -12.70
CA PRO A 42 -1.29 -5.47 -13.67
C PRO A 42 -0.02 -6.03 -13.00
N PRO A 43 0.57 -7.10 -13.57
CA PRO A 43 1.77 -7.69 -12.99
C PRO A 43 3.07 -6.91 -13.18
N TYR A 44 3.10 -6.01 -14.17
CA TYR A 44 4.30 -5.24 -14.44
C TYR A 44 4.35 -3.92 -13.69
N PRO A 45 5.46 -3.66 -12.98
CA PRO A 45 5.73 -2.46 -12.18
C PRO A 45 5.42 -1.12 -12.84
N ALA A 46 5.96 -0.92 -14.04
CA ALA A 46 5.73 0.32 -14.76
C ALA A 46 4.25 0.52 -15.05
N GLU A 47 3.60 -0.51 -15.59
CA GLU A 47 2.17 -0.43 -15.89
C GLU A 47 1.37 -0.14 -14.63
N ALA A 48 1.67 -0.88 -13.56
CA ALA A 48 0.96 -0.69 -12.30
C ALA A 48 1.12 0.74 -11.81
N ALA A 49 2.35 1.25 -11.92
CA ALA A 49 2.64 2.61 -11.48
C ALA A 49 1.88 3.64 -12.30
N GLU A 50 1.83 3.46 -13.62
CA GLU A 50 1.12 4.41 -14.48
C GLU A 50 -0.37 4.40 -14.19
N LEU A 52 -1.78 3.60 -11.34
CA LEU A 52 -1.97 4.22 -10.04
C LEU A 52 -1.86 5.74 -10.15
N GLU A 53 -0.91 6.22 -10.95
CA GLU A 53 -0.73 7.67 -11.12
C GLU A 53 -1.94 8.28 -11.79
N SER A 54 -2.52 7.54 -12.74
CA SER A 54 -3.70 8.01 -13.46
C SER A 54 -4.90 8.17 -12.53
N ILE A 55 -5.07 7.21 -11.62
CA ILE A 55 -6.18 7.27 -10.66
C ILE A 55 -5.98 8.50 -9.77
N VAL A 56 -4.75 8.69 -9.30
CA VAL A 56 -4.42 9.82 -8.44
C VAL A 56 -4.80 11.15 -9.08
N ASP A 58 -6.87 11.75 -11.22
CA ASP A 58 -8.31 11.85 -11.48
C ASP A 58 -8.99 12.33 -10.20
N LYS A 59 -8.31 12.17 -9.07
CA LYS A 59 -8.88 12.54 -7.78
C LYS A 59 -8.06 13.52 -6.94
N ALA A 60 -6.91 13.94 -7.43
CA ALA A 60 -6.05 14.85 -6.68
C ALA A 60 -6.71 16.17 -6.32
N GLY A 61 -7.77 16.52 -7.03
CA GLY A 61 -8.46 17.77 -6.76
C GLY A 61 -9.22 17.72 -5.45
N GLN A 62 -9.80 16.57 -5.14
CA GLN A 62 -10.55 16.38 -3.91
C GLN A 62 -9.63 15.75 -2.87
N SER A 63 -10.21 15.20 -1.80
CA SER A 63 -9.41 14.57 -0.77
C SER A 63 -9.12 13.13 -1.17
N ILE A 64 -7.85 12.74 -1.14
CA ILE A 64 -7.50 11.37 -1.48
C ILE A 64 -6.39 10.88 -0.58
N GLY A 65 -6.55 9.65 -0.08
CA GLY A 65 -5.56 9.06 0.80
C GLY A 65 -5.29 7.65 0.32
N ILE A 66 -4.14 7.10 0.67
CA ILE A 66 -3.82 5.76 0.21
C ILE A 66 -3.40 4.78 1.31
N VAL A 67 -3.75 3.51 1.10
CA VAL A 67 -3.37 2.44 2.01
C VAL A 67 -2.73 1.38 1.10
N GLY A 68 -1.53 0.94 1.44
CA GLY A 68 -0.85 -0.06 0.62
C GLY A 68 -0.25 -1.14 1.49
N SER A 69 -0.42 -2.40 1.11
CA SER A 69 0.14 -3.51 1.88
C SER A 69 1.16 -4.30 1.09
N SER A 70 2.18 -4.79 1.79
CA SER A 70 3.25 -5.58 1.16
C SER A 70 3.87 -4.75 0.04
N LEU A 71 3.93 -5.32 -1.15
CA LEU A 71 4.49 -4.60 -2.28
C LEU A 71 3.67 -3.34 -2.54
N GLY A 72 2.37 -3.42 -2.24
CA GLY A 72 1.51 -2.27 -2.42
C GLY A 72 1.98 -1.09 -1.60
N GLY A 73 2.64 -1.38 -0.48
CA GLY A 73 3.16 -0.32 0.37
C GLY A 73 4.31 0.41 -0.28
N TYR A 74 5.04 -0.28 -1.15
CA TYR A 74 6.17 0.32 -1.87
C TYR A 74 5.58 1.30 -2.88
N PHE A 75 4.55 0.84 -3.59
CA PHE A 75 3.87 1.66 -4.58
C PHE A 75 3.23 2.86 -3.88
N ALA A 76 2.64 2.63 -2.72
CA ALA A 76 1.99 3.68 -1.96
C ALA A 76 2.99 4.75 -1.53
N THR A 77 4.19 4.33 -1.11
CA THR A 77 5.22 5.26 -0.67
C THR A 77 5.67 6.15 -1.83
N TRP A 78 5.94 5.52 -2.98
CA TRP A 78 6.35 6.24 -4.18
C TRP A 78 5.28 7.27 -4.52
N LEU A 79 4.04 6.83 -4.60
CA LEU A 79 2.92 7.71 -4.92
C LEU A 79 2.83 8.86 -3.92
N SER A 80 2.87 8.51 -2.64
CA SER A 80 2.76 9.48 -1.57
C SER A 80 3.74 10.64 -1.64
N GLN A 81 5.02 10.32 -1.81
CA GLN A 81 6.06 11.34 -1.88
C GLN A 81 6.04 12.12 -3.18
N ARG A 82 5.89 11.42 -4.30
CA ARG A 82 5.86 12.05 -5.61
C ARG A 82 4.73 13.08 -5.76
N PHE A 83 3.53 12.69 -5.36
CA PHE A 83 2.38 13.56 -5.49
C PHE A 83 1.89 14.15 -4.18
N SER A 84 2.68 14.02 -3.12
CA SER A 84 2.33 14.56 -1.80
C SER A 84 0.93 14.12 -1.35
N ILE A 85 0.74 12.81 -1.22
CA ILE A 85 -0.55 12.28 -0.80
C ILE A 85 -0.38 11.42 0.45
N PRO A 86 -1.26 11.61 1.45
CA PRO A 86 -1.16 10.83 2.69
C PRO A 86 -1.27 9.35 2.40
N ALA A 87 -0.50 8.53 3.10
CA ALA A 87 -0.57 7.10 2.87
C ALA A 87 -0.22 6.29 4.09
N VAL A 88 -0.97 5.20 4.29
CA VAL A 88 -0.71 4.29 5.39
C VAL A 88 -0.16 3.05 4.71
N VAL A 89 1.02 2.63 5.12
CA VAL A 89 1.65 1.45 4.54
C VAL A 89 1.67 0.31 5.54
N VAL A 90 1.05 -0.80 5.17
CA VAL A 90 0.95 -1.98 6.03
C VAL A 90 1.96 -3.06 5.67
N ASN A 91 2.89 -3.34 6.58
CA ASN A 91 3.94 -4.33 6.36
C ASN A 91 4.48 -4.15 4.95
N PRO A 92 4.92 -2.93 4.61
CA PRO A 92 5.45 -2.58 3.31
C PRO A 92 6.82 -3.13 2.95
N ALA A 93 7.01 -3.43 1.66
CA ALA A 93 8.29 -3.91 1.19
C ALA A 93 9.14 -2.67 0.96
N VAL A 94 10.33 -2.66 1.54
CA VAL A 94 11.25 -1.53 1.42
C VAL A 94 12.20 -1.74 0.23
N ARG A 95 12.63 -2.97 0.01
CA ARG A 95 13.51 -3.28 -1.11
C ARG A 95 12.92 -4.47 -1.86
N PRO A 96 11.73 -4.29 -2.43
CA PRO A 96 11.06 -5.36 -3.18
C PRO A 96 11.86 -5.89 -4.36
N PHE A 97 12.72 -5.04 -4.92
CA PHE A 97 13.53 -5.46 -6.05
C PHE A 97 14.47 -6.61 -5.67
N GLU A 98 14.70 -6.79 -4.37
CA GLU A 98 15.55 -7.87 -3.91
C GLU A 98 14.77 -9.17 -3.82
N LEU A 99 13.62 -9.15 -3.17
CA LEU A 99 12.81 -10.36 -3.05
C LEU A 99 12.23 -10.82 -4.39
N LEU A 100 11.84 -9.88 -5.24
CA LEU A 100 11.27 -10.24 -6.53
C LEU A 100 12.29 -10.82 -7.51
N SER A 101 13.56 -10.58 -7.26
CA SER A 101 14.60 -11.12 -8.13
C SER A 101 14.58 -12.63 -8.03
N ASP A 102 14.06 -13.15 -6.93
CA ASP A 102 13.96 -14.60 -6.75
C ASP A 102 12.64 -15.09 -7.35
N TYR A 103 11.80 -14.16 -7.76
CA TYR A 103 10.50 -14.49 -8.35
C TYR A 103 10.56 -14.43 -9.88
N LEU A 104 11.76 -14.23 -10.42
CA LEU A 104 11.93 -14.12 -11.88
C LEU A 104 11.51 -15.35 -12.68
N GLY A 105 10.88 -15.11 -13.82
CA GLY A 105 10.43 -16.22 -14.65
C GLY A 105 8.92 -16.30 -14.75
N GLU A 106 8.44 -17.49 -15.12
CA GLU A 106 7.02 -17.75 -15.28
C GLU A 106 6.22 -17.59 -13.98
N ASN A 107 5.18 -16.78 -14.04
CA ASN A 107 4.33 -16.51 -12.90
C ASN A 107 2.87 -16.42 -13.34
N GLN A 108 1.97 -16.52 -12.38
CA GLN A 108 0.55 -16.41 -12.67
C GLN A 108 -0.22 -15.86 -11.48
N ASN A 109 -1.11 -14.91 -11.75
CA ASN A 109 -1.92 -14.35 -10.69
C ASN A 109 -3.03 -15.38 -10.50
N PRO A 110 -3.05 -16.05 -9.35
CA PRO A 110 -4.05 -17.07 -9.02
C PRO A 110 -5.50 -16.58 -8.99
N TYR A 111 -5.68 -15.27 -8.86
CA TYR A 111 -7.01 -14.72 -8.82
C TYR A 111 -7.56 -14.23 -10.15
N THR A 112 -6.68 -13.71 -11.01
CA THR A 112 -7.11 -13.22 -12.32
C THR A 112 -6.86 -14.28 -13.38
N GLY A 113 -5.88 -15.14 -13.12
CA GLY A 113 -5.54 -16.19 -14.06
C GLY A 113 -4.51 -15.71 -15.06
N GLN A 114 -4.17 -14.42 -15.02
CA GLN A 114 -3.19 -13.87 -15.94
C GLN A 114 -1.80 -14.46 -15.76
N LYS A 115 -1.24 -14.96 -16.85
CA LYS A 115 0.08 -15.54 -16.82
C LYS A 115 1.03 -14.48 -17.35
N TYR A 116 2.20 -14.37 -16.74
CA TYR A 116 3.17 -13.38 -17.15
C TYR A 116 4.57 -13.85 -16.83
N VAL A 117 5.56 -13.21 -17.46
CA VAL A 117 6.95 -13.55 -17.21
C VAL A 117 7.62 -12.34 -16.57
N LEU A 118 7.98 -12.48 -15.29
CA LEU A 118 8.64 -11.40 -14.57
C LEU A 118 10.08 -11.35 -15.07
N GLU A 119 10.48 -10.22 -15.61
CA GLU A 119 11.83 -10.07 -16.15
C GLU A 119 12.69 -9.07 -15.39
N SER A 120 13.99 -9.11 -15.68
CA SER A 120 14.95 -8.23 -15.03
C SER A 120 14.61 -6.75 -15.20
N ARG A 121 14.14 -6.38 -16.40
CA ARG A 121 13.79 -4.98 -16.65
C ARG A 121 12.68 -4.57 -15.69
N HIS A 122 11.78 -5.49 -15.39
CA HIS A 122 10.69 -5.21 -14.46
C HIS A 122 11.28 -4.85 -13.09
N ILE A 123 12.36 -5.53 -12.73
CA ILE A 123 13.02 -5.28 -11.44
C ILE A 123 13.63 -3.89 -11.49
N TYR A 124 14.20 -3.54 -12.65
CA TYR A 124 14.80 -2.23 -12.84
C TYR A 124 13.74 -1.14 -12.64
N ASP A 125 12.59 -1.33 -13.27
CA ASP A 125 11.50 -0.36 -13.16
C ASP A 125 11.08 -0.15 -11.70
N LEU A 126 10.99 -1.23 -10.94
CA LEU A 126 10.60 -1.15 -9.55
C LEU A 126 11.71 -0.45 -8.77
N LYS A 127 12.94 -0.82 -9.06
CA LYS A 127 14.12 -0.25 -8.41
C LYS A 127 14.24 1.25 -8.67
N ALA A 128 13.90 1.67 -9.88
CA ALA A 128 13.98 3.09 -10.26
C ALA A 128 13.04 3.98 -9.45
N GLN A 130 12.65 3.64 -6.23
CA GLN A 130 13.19 3.75 -4.88
C GLN A 130 13.47 5.19 -4.45
N ILE A 131 13.02 5.53 -3.26
CA ILE A 131 13.22 6.86 -2.70
C ILE A 131 14.16 6.71 -1.51
N GLU A 132 15.39 7.19 -1.66
CA GLU A 132 16.38 7.09 -0.59
C GLU A 132 16.14 8.02 0.57
N LYS A 133 15.62 9.22 0.28
CA LYS A 133 15.34 10.18 1.34
C LYS A 133 13.91 10.70 1.25
N LEU A 134 13.12 10.42 2.27
CA LEU A 134 11.73 10.85 2.31
C LEU A 134 11.64 12.37 2.47
N GLU A 135 11.12 13.03 1.44
CA GLU A 135 10.98 14.49 1.44
C GLU A 135 9.79 14.97 2.25
N SER A 136 8.74 14.14 2.33
CA SER A 136 7.54 14.53 3.07
C SER A 136 7.08 13.40 4.01
N PRO A 137 7.88 13.07 5.04
CA PRO A 137 7.57 12.02 6.01
C PRO A 137 6.26 12.15 6.78
N ASP A 138 5.83 13.37 7.04
CA ASP A 138 4.58 13.60 7.77
C ASP A 138 3.38 13.01 7.04
N LEU A 139 3.58 12.63 5.78
CA LEU A 139 2.51 12.07 4.96
C LEU A 139 2.37 10.55 5.12
N LEU A 140 3.38 9.92 5.72
CA LEU A 140 3.36 8.46 5.86
C LEU A 140 3.12 7.94 7.27
N TRP A 141 2.43 6.80 7.35
CA TRP A 141 2.16 6.15 8.62
C TRP A 141 2.42 4.66 8.42
N LEU A 142 3.41 4.16 9.14
CA LEU A 142 3.80 2.76 9.04
C LEU A 142 3.11 1.89 10.09
N LEU A 143 2.51 0.81 9.61
CA LEU A 143 1.86 -0.18 10.48
C LEU A 143 2.70 -1.42 10.22
N GLN A 144 3.31 -1.97 11.27
CA GLN A 144 4.16 -3.15 11.12
C GLN A 144 4.09 -4.15 12.26
N GLN A 145 4.14 -5.43 11.93
CA GLN A 145 4.13 -6.48 12.94
C GLN A 145 5.46 -7.22 12.79
N THR A 146 6.18 -7.33 13.88
CA THR A 146 7.49 -7.99 13.88
C THR A 146 7.37 -9.48 13.54
N GLY A 147 6.18 -10.03 13.70
CA GLY A 147 5.98 -11.44 13.41
C GLY A 147 6.01 -11.76 11.93
N ASP A 148 6.10 -10.72 11.11
CA ASP A 148 6.14 -10.88 9.65
C ASP A 148 7.29 -11.81 9.25
N GLU A 149 6.95 -12.92 8.59
CA GLU A 149 7.96 -13.89 8.16
C GLU A 149 8.34 -13.75 6.68
N VAL A 150 7.73 -12.77 6.01
CA VAL A 150 8.05 -12.54 4.61
C VAL A 150 9.08 -11.42 4.54
N LEU A 151 8.83 -10.36 5.32
CA LEU A 151 9.73 -9.22 5.36
C LEU A 151 10.32 -9.04 6.76
N ASP A 152 11.52 -8.48 6.81
CA ASP A 152 12.19 -8.21 8.07
C ASP A 152 11.78 -6.81 8.53
N TYR A 153 11.04 -6.74 9.63
CA TYR A 153 10.55 -5.47 10.16
C TYR A 153 11.61 -4.38 10.33
N ARG A 154 12.84 -4.77 10.63
CA ARG A 154 13.92 -3.82 10.82
C ARG A 154 14.05 -2.82 9.68
N GLN A 155 13.95 -3.31 8.44
CA GLN A 155 14.06 -2.45 7.28
C GLN A 155 12.98 -1.38 7.30
N ALA A 156 11.74 -1.77 7.56
CA ALA A 156 10.64 -0.80 7.58
C ALA A 156 10.79 0.20 8.73
N VAL A 157 11.06 -0.31 9.93
CA VAL A 157 11.21 0.57 11.08
C VAL A 157 12.30 1.62 10.86
N ALA A 158 13.41 1.21 10.28
CA ALA A 158 14.52 2.13 10.03
C ALA A 158 14.18 3.10 8.90
N TYR A 159 13.68 2.56 7.79
CA TYR A 159 13.36 3.38 6.63
C TYR A 159 12.32 4.46 6.92
N TYR A 160 11.26 4.10 7.64
CA TYR A 160 10.20 5.05 7.97
C TYR A 160 10.43 5.73 9.32
N THR A 161 11.69 5.80 9.75
CA THR A 161 12.03 6.42 11.03
C THR A 161 11.46 7.83 11.22
N PRO A 162 11.56 8.70 10.20
CA PRO A 162 11.02 10.05 10.38
C PRO A 162 9.50 10.10 10.31
N CYS A 163 8.87 8.92 10.25
CA CYS A 163 7.41 8.85 10.14
C CYS A 163 6.69 8.27 11.33
N ARG A 164 5.41 8.55 11.42
CA ARG A 164 4.57 8.01 12.48
C ARG A 164 4.65 6.49 12.30
N GLN A 165 4.69 5.77 13.42
CA GLN A 165 4.78 4.33 13.36
C GLN A 165 3.96 3.66 14.44
N THR A 166 3.43 2.49 14.10
CA THR A 166 2.68 1.68 15.04
C THR A 166 3.25 0.29 14.82
N VAL A 167 4.15 -0.12 15.70
CA VAL A 167 4.79 -1.42 15.61
C VAL A 167 4.21 -2.38 16.65
N GLU A 168 3.70 -3.52 16.18
CA GLU A 168 3.13 -4.52 17.06
C GLU A 168 3.99 -5.78 16.99
N SER A 169 4.37 -6.30 18.15
CA SER A 169 5.16 -7.53 18.17
C SER A 169 4.24 -8.70 17.83
N GLY A 170 4.81 -9.75 17.24
CA GLY A 170 4.01 -10.90 16.87
C GLY A 170 3.27 -10.63 15.56
N GLY A 171 2.13 -11.27 15.37
CA GLY A 171 1.36 -11.07 14.15
C GLY A 171 2.03 -11.71 12.96
N ASN A 172 1.71 -11.24 11.76
CA ASN A 172 2.30 -11.80 10.54
C ASN A 172 2.26 -10.82 9.38
N HIS A 173 2.71 -11.27 8.21
CA HIS A 173 2.76 -10.44 7.02
C HIS A 173 1.37 -9.94 6.60
N ALA A 174 0.37 -10.80 6.73
CA ALA A 174 -1.00 -10.44 6.37
C ALA A 174 -1.52 -9.33 7.28
N PHE A 175 -0.93 -9.22 8.46
CA PHE A 175 -1.29 -8.24 9.47
C PHE A 175 -2.58 -8.65 10.18
N VAL A 176 -2.43 -9.17 11.39
CA VAL A 176 -3.56 -9.61 12.19
C VAL A 176 -4.25 -8.43 12.86
N GLY A 177 -5.58 -8.45 12.85
CA GLY A 177 -6.36 -7.39 13.47
C GLY A 177 -6.29 -6.05 12.77
N PHE A 178 -6.29 -6.06 11.44
CA PHE A 178 -6.22 -4.81 10.68
C PHE A 178 -7.47 -3.95 10.94
N ASP A 179 -8.61 -4.59 11.18
CA ASP A 179 -9.86 -3.87 11.43
C ASP A 179 -9.78 -2.82 12.53
N HIS A 180 -8.91 -3.02 13.51
CA HIS A 180 -8.78 -2.05 14.60
C HIS A 180 -8.38 -0.68 14.10
N TYR A 181 -7.67 -0.65 12.97
CA TYR A 181 -7.16 0.59 12.41
C TYR A 181 -8.04 1.31 11.38
N PHE A 182 -9.21 0.74 11.08
CA PHE A 182 -10.10 1.34 10.09
C PHE A 182 -10.35 2.83 10.32
N SER A 183 -10.87 3.15 11.50
CA SER A 183 -11.17 4.55 11.84
C SER A 183 -9.90 5.39 11.98
N PRO A 184 -8.86 4.87 12.63
CA PRO A 184 -7.62 5.65 12.77
C PRO A 184 -7.06 6.04 11.39
N ILE A 185 -7.19 5.12 10.44
CA ILE A 185 -6.70 5.34 9.08
C ILE A 185 -7.49 6.44 8.35
N VAL A 186 -8.82 6.40 8.44
CA VAL A 186 -9.64 7.42 7.79
C VAL A 186 -9.25 8.78 8.36
N THR A 187 -9.05 8.84 9.67
CA THR A 187 -8.68 10.10 10.30
C THR A 187 -7.27 10.53 9.89
N PHE A 188 -6.31 9.60 9.85
CA PHE A 188 -4.96 9.97 9.46
C PHE A 188 -4.92 10.50 8.03
N LEU A 189 -5.65 9.84 7.13
CA LEU A 189 -5.68 10.25 5.73
C LEU A 189 -6.49 11.54 5.52
N GLY A 190 -7.19 11.99 6.55
CA GLY A 190 -7.99 13.19 6.45
C GLY A 190 -9.10 13.05 5.42
N LEU A 191 -9.71 11.86 5.35
CA LEU A 191 -10.77 11.61 4.39
C LEU A 191 -12.18 11.92 4.90
N ALA A 192 -12.27 12.24 6.19
CA ALA A 192 -13.56 12.58 6.79
C ALA A 192 -13.42 13.93 7.49
N THR A 193 -14.52 14.65 7.62
CA THR A 193 -14.46 15.94 8.29
C THR A 193 -15.74 16.21 9.08
N ALA A 194 -15.63 17.02 10.11
CA ALA A 194 -16.77 17.36 10.94
C ALA A 194 -17.09 18.85 10.84
N LEU A 195 -16.29 19.57 10.05
CA LEU A 195 -16.48 21.01 9.89
C LEU A 195 -17.89 21.38 9.43
N GLU A 196 -18.63 20.39 8.91
CA GLU A 196 -19.99 20.65 8.44
C GLU A 196 -21.06 20.16 9.41
N HIS A 197 -20.63 19.62 10.55
CA HIS A 197 -21.56 19.11 11.56
C HIS A 197 -22.36 20.22 12.24
#